data_1CS2
#
_entry.id   1CS2
#
_cell.length_a   1.000
_cell.length_b   1.000
_cell.length_c   1.000
_cell.angle_alpha   90.00
_cell.angle_beta   90.00
_cell.angle_gamma   90.00
#
_symmetry.space_group_name_H-M   'P 1'
#
loop_
_entity.id
_entity.type
_entity.pdbx_description
1 polymer "5'-d(*CP*TP*AP*CP*TP*GP*CP*TP*TP*TP*AP*G)-3'"
2 polymer "5'-d(*CP*TP*AP*AP*AP*GP*CP*AP*GP*TP*AP*G)-3'"
#
loop_
_entity_poly.entity_id
_entity_poly.type
_entity_poly.pdbx_seq_one_letter_code
_entity_poly.pdbx_strand_id
1 'polydeoxyribonucleotide' (DC)(DT)(DA)(DC)(DT)(DG)(DC)(DT)(DT)(DT)(DA)(DG) A
2 'polydeoxyribonucleotide' (DC)(DT)(DA)(DA)(DA)(DG)(DC)(DA)(DG)(DT)(DA)(DG) B
#
loop_
_chem_comp.id
_chem_comp.type
_chem_comp.name
_chem_comp.formula
DA DNA linking 2'-DEOXYADENOSINE-5'-MONOPHOSPHATE 'C10 H14 N5 O6 P'
DC DNA linking 2'-DEOXYCYTIDINE-5'-MONOPHOSPHATE 'C9 H14 N3 O7 P'
DG DNA linking 2'-DEOXYGUANOSINE-5'-MONOPHOSPHATE 'C10 H14 N5 O7 P'
DT DNA linking THYMIDINE-5'-MONOPHOSPHATE 'C10 H15 N2 O8 P'
#